data_3A5F
#
_entry.id   3A5F
#
_cell.length_a   143.358
_cell.length_b   54.836
_cell.length_c   94.304
_cell.angle_alpha   90.00
_cell.angle_beta   126.29
_cell.angle_gamma   90.00
#
_symmetry.space_group_name_H-M   'C 1 2 1'
#
loop_
_entity.id
_entity.type
_entity.pdbx_description
1 polymer 'Dihydrodipicolinate synthase'
2 non-polymer GLYCEROL
3 water water
#
_entity_poly.entity_id   1
_entity_poly.type   'polypeptide(L)'
_entity_poly.pdbx_seq_one_letter_code
;SIFKGSGVAIITPFTNTGVDFDKLSELIEWHIKSKTDAIIVCGTTGEATTMTETERKETIKFVIDKVNKRIPVIAGTGSN
NTAASIAMSKWAESIGVDGLLVITPYYNKTTQKGLVKHFKAVSDAVSTPIIIYNVPGRTGLNITPGTLKELCEDKNIVAV
(KPI)EASGNISQIAQIKALCGDKLDIYSGNDDQIIPILALGGIGVISVLANVIPEDVHNMCELYLNGKVNEALKIQLDS
LALTNALFIETNPIPVKTAMNLMNMKVGDLRLPLCEMNENNLEILKKELKAYNLM
;
_entity_poly.pdbx_strand_id   A,B
#
loop_
_chem_comp.id
_chem_comp.type
_chem_comp.name
_chem_comp.formula
GOL non-polymer GLYCEROL 'C3 H8 O3'
#
# COMPACT_ATOMS: atom_id res chain seq x y z
N SER A 1 5.27 -2.19 -29.42
CA SER A 1 5.04 -2.67 -28.04
C SER A 1 6.40 -3.02 -27.37
N ILE A 2 6.46 -3.01 -26.07
CA ILE A 2 7.71 -3.41 -25.43
C ILE A 2 8.02 -4.88 -25.68
N PHE A 3 6.97 -5.70 -25.58
CA PHE A 3 7.06 -7.13 -25.84
C PHE A 3 5.64 -7.58 -26.07
N LYS A 4 5.54 -8.77 -26.63
CA LYS A 4 4.30 -9.56 -26.68
C LYS A 4 4.51 -10.90 -26.06
N GLY A 5 3.47 -11.47 -25.50
CA GLY A 5 3.55 -12.79 -24.97
C GLY A 5 3.74 -12.79 -23.46
N SER A 6 4.60 -13.71 -23.00
CA SER A 6 4.78 -14.00 -21.58
C SER A 6 5.98 -13.18 -21.03
N GLY A 7 5.70 -12.26 -20.14
CA GLY A 7 6.70 -11.54 -19.40
C GLY A 7 6.71 -12.09 -18.00
N VAL A 8 7.76 -12.73 -17.56
CA VAL A 8 7.78 -13.27 -16.20
C VAL A 8 8.04 -12.14 -15.19
N ALA A 9 7.18 -12.04 -14.18
CA ALA A 9 7.44 -11.19 -13.04
C ALA A 9 8.36 -12.01 -12.15
N ILE A 10 9.66 -11.90 -12.39
CA ILE A 10 10.58 -12.84 -11.82
C ILE A 10 10.70 -12.63 -10.32
N ILE A 11 10.79 -13.76 -9.59
CA ILE A 11 11.14 -13.67 -8.18
C ILE A 11 12.53 -13.11 -8.01
N THR A 12 12.81 -12.61 -6.82
CA THR A 12 14.18 -12.26 -6.43
C THR A 12 14.64 -13.33 -5.44
N PRO A 13 15.57 -14.18 -5.84
CA PRO A 13 16.04 -15.22 -4.88
C PRO A 13 17.00 -14.52 -3.85
N PHE A 14 16.81 -14.80 -2.56
CA PHE A 14 17.62 -14.18 -1.54
C PHE A 14 18.48 -15.24 -0.90
N THR A 15 19.69 -14.79 -0.52
CA THR A 15 20.48 -15.52 0.45
C THR A 15 20.00 -15.07 1.81
N ASN A 16 20.70 -15.49 2.88
CA ASN A 16 20.36 -15.03 4.24
CA ASN A 16 20.20 -15.06 4.17
C ASN A 16 20.53 -13.57 4.41
N THR A 17 21.47 -12.99 3.65
CA THR A 17 21.82 -11.55 3.82
C THR A 17 21.71 -10.68 2.63
N GLY A 18 21.23 -11.17 1.54
CA GLY A 18 21.24 -10.35 0.32
C GLY A 18 20.59 -11.10 -0.80
N VAL A 19 20.90 -10.69 -2.02
CA VAL A 19 20.33 -11.28 -3.22
C VAL A 19 21.24 -12.38 -3.72
N ASP A 20 20.67 -13.51 -4.13
CA ASP A 20 21.41 -14.66 -4.68
C ASP A 20 21.54 -14.41 -6.19
N PHE A 21 22.59 -13.71 -6.60
CA PHE A 21 22.83 -13.39 -7.96
C PHE A 21 23.15 -14.61 -8.76
N ASP A 22 23.79 -15.62 -8.16
CA ASP A 22 24.09 -16.85 -8.89
C ASP A 22 22.80 -17.56 -9.30
N LYS A 23 21.84 -17.70 -8.36
CA LYS A 23 20.57 -18.25 -8.67
C LYS A 23 19.81 -17.39 -9.68
N LEU A 24 19.85 -16.09 -9.54
CA LEU A 24 19.17 -15.21 -10.49
C LEU A 24 19.70 -15.40 -11.89
N SER A 25 21.03 -15.53 -12.03
CA SER A 25 21.63 -15.82 -13.29
C SER A 25 21.05 -17.12 -13.90
N GLU A 26 21.01 -18.16 -13.12
CA GLU A 26 20.45 -19.40 -13.60
C GLU A 26 19.02 -19.26 -14.05
N LEU A 27 18.22 -18.53 -13.29
CA LEU A 27 16.82 -18.34 -13.67
C LEU A 27 16.73 -17.57 -14.94
N ILE A 28 17.53 -16.54 -15.13
CA ILE A 28 17.51 -15.75 -16.32
C ILE A 28 17.82 -16.58 -17.54
N GLU A 29 18.84 -17.41 -17.49
CA GLU A 29 19.22 -18.25 -18.61
C GLU A 29 18.13 -19.25 -18.91
N TRP A 30 17.53 -19.81 -17.86
CA TRP A 30 16.46 -20.73 -18.03
C TRP A 30 15.26 -20.09 -18.69
N HIS A 31 14.89 -18.86 -18.32
CA HIS A 31 13.83 -18.16 -19.00
C HIS A 31 14.11 -17.97 -20.44
N ILE A 32 15.32 -17.54 -20.78
CA ILE A 32 15.65 -17.27 -22.15
C ILE A 32 15.47 -18.57 -22.96
N LYS A 33 16.00 -19.68 -22.45
CA LYS A 33 15.90 -20.97 -23.07
CA LYS A 33 15.88 -20.97 -23.11
C LYS A 33 14.48 -21.47 -23.16
N SER A 34 13.61 -21.06 -22.23
CA SER A 34 12.27 -21.54 -22.18
C SER A 34 11.30 -20.66 -22.98
N LYS A 35 11.81 -19.70 -23.71
CA LYS A 35 11.03 -18.86 -24.58
C LYS A 35 10.21 -17.80 -23.89
N THR A 36 10.54 -17.48 -22.65
CA THR A 36 10.00 -16.29 -22.02
C THR A 36 10.28 -15.09 -22.88
N ASP A 37 9.26 -14.25 -23.03
CA ASP A 37 9.34 -13.13 -23.93
C ASP A 37 9.95 -11.86 -23.34
N ALA A 38 9.88 -11.73 -22.03
CA ALA A 38 10.41 -10.53 -21.34
C ALA A 38 10.57 -10.91 -19.89
N ILE A 39 11.45 -10.16 -19.21
CA ILE A 39 11.59 -10.25 -17.76
C ILE A 39 11.22 -8.95 -17.09
N ILE A 40 10.32 -9.03 -16.09
CA ILE A 40 9.97 -7.90 -15.28
C ILE A 40 10.66 -8.14 -13.95
N VAL A 41 11.60 -7.29 -13.61
CA VAL A 41 12.45 -7.42 -12.45
C VAL A 41 12.01 -6.40 -11.37
N CYS A 42 11.95 -6.87 -10.14
CA CYS A 42 11.57 -6.06 -9.00
C CYS A 42 10.16 -5.54 -9.16
N GLY A 43 9.29 -6.41 -9.66
CA GLY A 43 7.85 -6.24 -9.51
C GLY A 43 7.40 -6.75 -8.15
N THR A 44 6.09 -6.85 -7.95
CA THR A 44 5.57 -7.37 -6.71
C THR A 44 6.08 -8.76 -6.40
N THR A 45 6.10 -9.56 -7.42
CA THR A 45 6.53 -10.97 -7.28
C THR A 45 8.01 -11.02 -6.92
N GLY A 46 8.74 -9.99 -7.25
CA GLY A 46 10.14 -9.86 -6.88
C GLY A 46 10.43 -9.34 -5.50
N GLU A 47 9.39 -9.10 -4.68
CA GLU A 47 9.62 -8.64 -3.31
C GLU A 47 10.40 -7.39 -3.26
N ALA A 48 10.17 -6.44 -4.19
CA ALA A 48 10.87 -5.17 -4.14
C ALA A 48 10.64 -4.43 -2.82
N THR A 49 9.45 -4.58 -2.25
CA THR A 49 9.11 -3.91 -0.96
CA THR A 49 9.12 -3.87 -1.02
C THR A 49 10.09 -4.16 0.11
N THR A 50 10.61 -5.36 0.20
CA THR A 50 11.44 -5.75 1.29
C THR A 50 12.90 -5.77 0.95
N MET A 51 13.24 -5.18 -0.17
CA MET A 51 14.64 -4.96 -0.63
C MET A 51 15.05 -3.57 -0.37
N THR A 52 16.33 -3.36 -0.03
CA THR A 52 16.86 -2.02 0.09
C THR A 52 16.97 -1.40 -1.30
N GLU A 53 17.15 -0.08 -1.31
CA GLU A 53 17.37 0.62 -2.57
C GLU A 53 18.57 0.10 -3.30
N THR A 54 19.65 -0.21 -2.57
CA THR A 54 20.82 -0.78 -3.21
C THR A 54 20.56 -2.19 -3.74
N GLU A 55 19.82 -2.98 -3.02
CA GLU A 55 19.46 -4.31 -3.52
C GLU A 55 18.59 -4.22 -4.78
N ARG A 56 17.65 -3.31 -4.80
CA ARG A 56 16.80 -3.12 -5.98
CA ARG A 56 16.81 -3.16 -5.97
C ARG A 56 17.64 -2.72 -7.15
N LYS A 57 18.50 -1.71 -7.00
CA LYS A 57 19.31 -1.24 -8.09
C LYS A 57 20.24 -2.33 -8.60
N GLU A 58 20.91 -3.03 -7.67
CA GLU A 58 21.81 -4.06 -8.10
C GLU A 58 21.10 -5.17 -8.81
N THR A 59 19.91 -5.52 -8.35
CA THR A 59 19.16 -6.59 -8.97
C THR A 59 18.68 -6.18 -10.34
N ILE A 60 18.08 -5.00 -10.46
CA ILE A 60 17.62 -4.55 -11.74
C ILE A 60 18.80 -4.47 -12.74
N LYS A 61 19.90 -3.87 -12.31
CA LYS A 61 21.04 -3.73 -13.20
C LYS A 61 21.60 -5.12 -13.59
N PHE A 62 21.63 -6.05 -12.65
CA PHE A 62 22.10 -7.38 -12.91
C PHE A 62 21.26 -8.02 -13.99
N VAL A 63 19.93 -7.95 -13.87
CA VAL A 63 19.11 -8.56 -14.88
C VAL A 63 19.34 -7.95 -16.24
N ILE A 64 19.35 -6.63 -16.31
CA ILE A 64 19.65 -5.93 -17.56
C ILE A 64 20.95 -6.40 -18.15
N ASP A 65 22.00 -6.40 -17.35
CA ASP A 65 23.31 -6.73 -17.86
C ASP A 65 23.41 -8.19 -18.27
N LYS A 66 22.88 -9.09 -17.45
CA LYS A 66 22.92 -10.49 -17.78
C LYS A 66 22.15 -10.82 -19.03
N VAL A 67 20.94 -10.26 -19.15
CA VAL A 67 20.12 -10.50 -20.32
C VAL A 67 20.80 -9.97 -21.59
N ASN A 68 21.50 -8.85 -21.49
CA ASN A 68 22.32 -8.34 -22.59
C ASN A 68 21.53 -8.24 -23.88
N LYS A 69 20.32 -7.65 -23.75
CA LYS A 69 19.49 -7.29 -24.86
CA LYS A 69 19.49 -7.31 -24.89
C LYS A 69 18.86 -8.51 -25.59
N ARG A 70 18.97 -9.68 -25.01
CA ARG A 70 18.42 -10.90 -25.61
C ARG A 70 16.89 -10.88 -25.68
N ILE A 71 16.26 -10.40 -24.62
CA ILE A 71 14.83 -10.20 -24.54
C ILE A 71 14.63 -8.89 -23.77
N PRO A 72 13.47 -8.26 -23.87
CA PRO A 72 13.25 -7.02 -23.12
C PRO A 72 13.24 -7.24 -21.63
N VAL A 73 13.78 -6.25 -20.91
CA VAL A 73 13.79 -6.19 -19.45
C VAL A 73 13.01 -4.95 -19.04
N ILE A 74 12.06 -5.15 -18.15
CA ILE A 74 11.24 -4.10 -17.57
C ILE A 74 11.45 -4.07 -16.10
N ALA A 75 11.64 -2.90 -15.52
CA ALA A 75 11.87 -2.81 -14.08
C ALA A 75 10.68 -2.18 -13.38
N GLY A 76 10.33 -2.69 -12.21
CA GLY A 76 9.47 -1.99 -11.32
C GLY A 76 10.16 -0.78 -10.72
N THR A 77 9.64 0.40 -10.98
CA THR A 77 10.26 1.63 -10.52
C THR A 77 9.31 2.56 -9.81
N GLY A 78 8.04 2.17 -9.71
CA GLY A 78 7.10 3.06 -9.06
C GLY A 78 6.94 2.83 -7.60
N SER A 79 6.53 3.86 -6.93
CA SER A 79 6.08 3.69 -5.56
CA SER A 79 6.35 4.01 -5.52
C SER A 79 4.97 4.70 -5.32
N ASN A 80 4.59 4.80 -4.06
CA ASN A 80 3.53 5.69 -3.66
C ASN A 80 3.95 7.13 -3.40
N ASN A 81 5.24 7.39 -3.62
CA ASN A 81 5.83 8.70 -3.53
C ASN A 81 6.26 9.14 -4.88
N THR A 82 5.70 10.19 -5.43
CA THR A 82 5.92 10.59 -6.84
C THR A 82 7.37 10.97 -7.05
N ALA A 83 7.97 11.73 -6.17
CA ALA A 83 9.37 12.09 -6.30
C ALA A 83 10.23 10.84 -6.35
N ALA A 84 10.01 9.86 -5.52
CA ALA A 84 10.80 8.68 -5.49
C ALA A 84 10.63 7.90 -6.78
N SER A 85 9.40 7.83 -7.28
CA SER A 85 9.09 7.15 -8.54
C SER A 85 9.84 7.77 -9.71
N ILE A 86 9.86 9.10 -9.76
CA ILE A 86 10.62 9.81 -10.78
C ILE A 86 12.10 9.39 -10.70
N ALA A 87 12.69 9.49 -9.50
CA ALA A 87 14.10 9.24 -9.36
C ALA A 87 14.48 7.83 -9.77
N MET A 88 13.69 6.84 -9.33
CA MET A 88 14.00 5.49 -9.65
C MET A 88 13.84 5.20 -11.11
N SER A 89 12.82 5.80 -11.71
CA SER A 89 12.60 5.65 -13.14
C SER A 89 13.69 6.21 -13.99
N LYS A 90 14.14 7.44 -13.61
CA LYS A 90 15.29 8.05 -14.33
C LYS A 90 16.52 7.17 -14.16
N TRP A 91 16.74 6.61 -12.98
CA TRP A 91 17.86 5.75 -12.74
C TRP A 91 17.83 4.52 -13.65
N ALA A 92 16.66 3.84 -13.71
CA ALA A 92 16.57 2.66 -14.51
C ALA A 92 16.77 2.93 -15.98
N GLU A 93 16.23 4.03 -16.45
CA GLU A 93 16.46 4.47 -17.81
C GLU A 93 17.95 4.62 -18.06
N SER A 94 18.68 5.20 -17.12
CA SER A 94 20.08 5.54 -17.31
C SER A 94 20.96 4.32 -17.48
N ILE A 95 20.55 3.15 -16.97
CA ILE A 95 21.33 1.92 -17.06
C ILE A 95 20.74 0.95 -18.05
N GLY A 96 19.84 1.39 -18.91
CA GLY A 96 19.49 0.69 -20.11
C GLY A 96 18.26 -0.20 -20.01
N VAL A 97 17.36 0.05 -19.08
CA VAL A 97 16.12 -0.73 -19.03
C VAL A 97 15.31 -0.52 -20.28
N ASP A 98 14.50 -1.47 -20.68
CA ASP A 98 13.63 -1.34 -21.86
C ASP A 98 12.28 -0.77 -21.56
N GLY A 99 11.81 -0.89 -20.33
CA GLY A 99 10.52 -0.39 -19.96
C GLY A 99 10.45 -0.25 -18.45
N LEU A 100 9.48 0.55 -18.04
CA LEU A 100 9.26 0.88 -16.63
C LEU A 100 7.88 0.36 -16.22
N LEU A 101 7.77 -0.45 -15.20
CA LEU A 101 6.48 -0.87 -14.64
C LEU A 101 6.19 0.02 -13.47
N VAL A 102 5.18 0.87 -13.58
CA VAL A 102 4.92 1.97 -12.64
C VAL A 102 3.55 1.80 -12.04
N ILE A 103 3.49 1.33 -10.79
CA ILE A 103 2.28 1.10 -10.06
C ILE A 103 1.57 2.43 -9.79
N THR A 104 0.26 2.35 -9.65
CA THR A 104 -0.47 3.47 -9.03
C THR A 104 0.06 3.68 -7.61
N PRO A 105 -0.17 4.85 -7.03
CA PRO A 105 0.00 4.97 -5.57
C PRO A 105 -0.91 3.98 -4.87
N TYR A 106 -0.51 3.66 -3.67
CA TYR A 106 -1.06 2.65 -2.82
C TYR A 106 -0.91 3.15 -1.43
N TYR A 107 -1.90 2.79 -0.58
CA TYR A 107 -1.95 3.15 0.84
C TYR A 107 -2.27 4.64 1.02
N ASN A 108 -1.37 5.52 0.67
CA ASN A 108 -1.75 6.93 0.63
C ASN A 108 -2.81 7.19 -0.40
N LYS A 109 -2.71 6.53 -1.53
CA LYS A 109 -3.65 6.72 -2.62
C LYS A 109 -3.61 8.14 -3.11
N THR A 110 -4.57 8.48 -3.95
CA THR A 110 -4.85 9.80 -4.46
C THR A 110 -6.16 9.72 -5.24
N THR A 111 -6.59 10.82 -5.81
CA THR A 111 -7.75 10.96 -6.62
C THR A 111 -7.43 10.57 -8.07
N GLN A 112 -8.44 10.46 -8.93
CA GLN A 112 -8.16 10.28 -10.34
C GLN A 112 -7.39 11.47 -10.91
N LYS A 113 -7.69 12.68 -10.46
CA LYS A 113 -6.93 13.84 -10.85
C LYS A 113 -5.48 13.69 -10.48
N GLY A 114 -5.25 13.23 -9.26
CA GLY A 114 -3.90 12.98 -8.78
C GLY A 114 -3.18 11.91 -9.54
N LEU A 115 -3.89 10.85 -9.95
CA LEU A 115 -3.28 9.80 -10.74
C LEU A 115 -2.75 10.40 -12.05
N VAL A 116 -3.52 11.25 -12.71
CA VAL A 116 -3.01 11.83 -13.94
C VAL A 116 -1.74 12.64 -13.64
N LYS A 117 -1.75 13.43 -12.58
CA LYS A 117 -0.56 14.20 -12.24
C LYS A 117 0.61 13.29 -11.92
N HIS A 118 0.40 12.23 -11.19
CA HIS A 118 1.48 11.32 -10.85
C HIS A 118 2.13 10.72 -12.09
N PHE A 119 1.31 10.13 -12.94
CA PHE A 119 1.85 9.47 -14.14
C PHE A 119 2.43 10.44 -15.11
N LYS A 120 1.88 11.62 -15.24
CA LYS A 120 2.51 12.61 -16.08
C LYS A 120 3.81 13.11 -15.56
N ALA A 121 3.96 13.21 -14.25
CA ALA A 121 5.20 13.63 -13.64
C ALA A 121 6.28 12.61 -13.93
N VAL A 122 5.95 11.34 -13.77
CA VAL A 122 6.91 10.28 -14.07
C VAL A 122 7.27 10.33 -15.54
N SER A 123 6.26 10.35 -16.41
CA SER A 123 6.52 10.32 -17.85
C SER A 123 7.33 11.49 -18.32
N ASP A 124 7.04 12.67 -17.79
CA ASP A 124 7.71 13.85 -18.24
C ASP A 124 9.21 13.81 -17.92
N ALA A 125 9.60 13.01 -16.97
CA ALA A 125 11.01 12.92 -16.51
C ALA A 125 11.85 11.94 -17.35
N VAL A 126 11.20 11.11 -18.20
CA VAL A 126 11.88 10.01 -18.85
C VAL A 126 11.56 9.99 -20.32
N SER A 127 12.25 9.15 -21.05
CA SER A 127 12.02 8.87 -22.47
CA SER A 127 11.99 8.88 -22.47
C SER A 127 12.07 7.39 -22.70
N THR A 128 11.50 6.61 -21.81
CA THR A 128 11.43 5.19 -21.79
C THR A 128 9.98 4.78 -21.68
N PRO A 129 9.57 3.70 -22.33
CA PRO A 129 8.19 3.24 -22.28
C PRO A 129 7.76 2.89 -20.84
N ILE A 130 6.53 3.27 -20.53
CA ILE A 130 5.92 3.05 -19.22
C ILE A 130 4.71 2.09 -19.36
N ILE A 131 4.67 1.12 -18.48
CA ILE A 131 3.53 0.24 -18.27
C ILE A 131 2.90 0.66 -16.92
N ILE A 132 1.69 1.20 -16.96
CA ILE A 132 0.93 1.48 -15.76
C ILE A 132 0.53 0.18 -15.12
N TYR A 133 0.62 0.03 -13.81
CA TYR A 133 0.24 -1.18 -13.13
CA TYR A 133 0.19 -1.22 -13.12
C TYR A 133 -0.93 -0.88 -12.20
N ASN A 134 -2.08 -1.45 -12.54
CA ASN A 134 -3.36 -1.29 -11.80
C ASN A 134 -3.64 -2.60 -11.05
N VAL A 135 -3.66 -2.55 -9.74
CA VAL A 135 -3.89 -3.69 -8.89
C VAL A 135 -4.63 -3.26 -7.63
N PRO A 136 -5.89 -2.89 -7.77
CA PRO A 136 -6.63 -2.33 -6.65
C PRO A 136 -6.80 -3.21 -5.46
N GLY A 137 -6.76 -4.49 -5.63
CA GLY A 137 -6.85 -5.38 -4.50
C GLY A 137 -5.61 -5.27 -3.55
N ARG A 138 -4.52 -4.79 -4.06
CA ARG A 138 -3.32 -4.52 -3.27
C ARG A 138 -3.21 -3.04 -2.88
N THR A 139 -3.56 -2.13 -3.76
CA THR A 139 -3.25 -0.71 -3.57
C THR A 139 -4.36 0.09 -2.89
N GLY A 140 -5.59 -0.47 -2.93
CA GLY A 140 -6.78 0.26 -2.55
C GLY A 140 -7.30 1.21 -3.56
N LEU A 141 -6.66 1.30 -4.75
CA LEU A 141 -6.96 2.33 -5.72
C LEU A 141 -7.09 1.76 -7.09
N ASN A 142 -8.18 2.03 -7.77
CA ASN A 142 -8.39 1.63 -9.11
C ASN A 142 -8.21 2.79 -10.04
N ILE A 143 -7.29 2.69 -10.98
CA ILE A 143 -7.25 3.70 -12.03
C ILE A 143 -8.33 3.38 -13.08
N THR A 144 -9.21 4.31 -13.36
CA THR A 144 -10.34 3.98 -14.18
C THR A 144 -9.98 4.02 -15.65
N PRO A 145 -10.84 3.41 -16.50
CA PRO A 145 -10.62 3.53 -17.94
C PRO A 145 -10.63 4.96 -18.41
N GLY A 146 -11.47 5.84 -17.85
CA GLY A 146 -11.47 7.22 -18.24
C GLY A 146 -10.16 7.91 -17.92
N THR A 147 -9.57 7.57 -16.76
CA THR A 147 -8.26 8.13 -16.43
C THR A 147 -7.21 7.61 -17.38
N LEU A 148 -7.24 6.29 -17.68
CA LEU A 148 -6.31 5.75 -18.65
C LEU A 148 -6.42 6.45 -19.98
N LYS A 149 -7.63 6.77 -20.42
CA LYS A 149 -7.85 7.48 -21.69
C LYS A 149 -7.18 8.81 -21.69
N GLU A 150 -7.16 9.50 -20.54
CA GLU A 150 -6.42 10.76 -20.43
C GLU A 150 -4.94 10.59 -20.54
N LEU A 151 -4.38 9.48 -20.17
CA LEU A 151 -2.95 9.22 -20.16
C LEU A 151 -2.44 8.54 -21.41
N CYS A 152 -3.28 7.84 -22.17
CA CYS A 152 -2.73 6.97 -23.18
C CYS A 152 -2.12 7.68 -24.38
N GLU A 153 -2.40 8.98 -24.54
CA GLU A 153 -1.78 9.75 -25.63
C GLU A 153 -0.42 10.24 -25.23
N ASP A 154 -0.01 10.10 -23.97
CA ASP A 154 1.32 10.51 -23.48
C ASP A 154 2.32 9.65 -24.23
N LYS A 155 3.42 10.31 -24.65
CA LYS A 155 4.39 9.69 -25.51
C LYS A 155 4.95 8.36 -24.92
N ASN A 156 5.20 8.32 -23.63
CA ASN A 156 5.85 7.21 -23.01
C ASN A 156 4.87 6.17 -22.48
N ILE A 157 3.61 6.53 -22.26
CA ILE A 157 2.66 5.62 -21.62
C ILE A 157 2.08 4.73 -22.70
N VAL A 158 2.60 3.48 -22.70
CA VAL A 158 2.30 2.61 -23.82
C VAL A 158 1.47 1.39 -23.46
N ALA A 159 1.32 1.08 -22.17
CA ALA A 159 0.63 -0.13 -21.78
C ALA A 159 0.12 -0.05 -20.39
N VAL A 160 -0.73 -1.00 -20.04
CA VAL A 160 -1.22 -1.23 -18.68
C VAL A 160 -1.09 -2.69 -18.37
N KPI A 161 -0.64 -2.99 -17.16
CA KPI A 161 -0.69 -4.30 -16.55
CB KPI A 161 0.51 -4.55 -15.67
CG KPI A 161 0.50 -5.90 -14.93
CD KPI A 161 1.70 -6.10 -14.04
CE KPI A 161 1.65 -7.34 -13.21
NZ KPI A 161 2.80 -7.41 -12.31
CX1 KPI A 161 3.06 -8.43 -11.47
C1 KPI A 161 2.66 -9.78 -11.72
CX2 KPI A 161 4.19 -8.18 -10.47
O1 KPI A 161 4.57 -6.99 -10.36
O2 KPI A 161 4.56 -9.11 -9.74
C KPI A 161 -1.93 -4.26 -15.69
O KPI A 161 -2.01 -3.56 -14.68
N GLU A 162 -2.94 -4.94 -16.18
CA GLU A 162 -4.31 -4.84 -15.60
C GLU A 162 -4.54 -6.02 -14.71
N ALA A 163 -4.50 -5.79 -13.44
CA ALA A 163 -4.69 -6.84 -12.45
C ALA A 163 -5.94 -6.58 -11.60
N SER A 164 -6.87 -5.80 -12.08
CA SER A 164 -8.12 -5.61 -11.33
C SER A 164 -8.95 -6.86 -11.26
N GLY A 165 -8.81 -7.72 -12.25
CA GLY A 165 -9.68 -8.85 -12.40
C GLY A 165 -11.09 -8.53 -12.88
N ASN A 166 -11.30 -7.32 -13.33
CA ASN A 166 -12.58 -6.83 -13.79
C ASN A 166 -12.61 -6.80 -15.31
N ILE A 167 -13.18 -7.84 -15.93
CA ILE A 167 -13.11 -7.99 -17.32
C ILE A 167 -13.89 -6.92 -18.06
N SER A 168 -14.97 -6.38 -17.46
CA SER A 168 -15.70 -5.26 -18.03
C SER A 168 -14.83 -4.04 -18.16
N GLN A 169 -14.04 -3.78 -17.15
CA GLN A 169 -13.08 -2.66 -17.18
C GLN A 169 -12.07 -2.84 -18.31
N ILE A 170 -11.55 -4.06 -18.45
CA ILE A 170 -10.59 -4.25 -19.46
CA ILE A 170 -10.59 -4.46 -19.61
C ILE A 170 -11.16 -4.01 -20.90
N ALA A 171 -12.39 -4.44 -21.13
CA ALA A 171 -13.05 -4.13 -22.39
C ALA A 171 -13.16 -2.64 -22.57
N GLN A 172 -13.52 -1.90 -21.54
CA GLN A 172 -13.67 -0.46 -21.63
C GLN A 172 -12.33 0.20 -21.98
N ILE A 173 -11.24 -0.26 -21.37
CA ILE A 173 -9.91 0.32 -21.69
C ILE A 173 -9.58 0.13 -23.16
N LYS A 174 -9.82 -1.06 -23.68
CA LYS A 174 -9.53 -1.32 -25.08
C LYS A 174 -10.38 -0.48 -25.99
N ALA A 175 -11.66 -0.38 -25.66
CA ALA A 175 -12.58 0.42 -26.48
C ALA A 175 -12.15 1.87 -26.51
N LEU A 176 -11.67 2.43 -25.40
CA LEU A 176 -11.36 3.84 -25.30
C LEU A 176 -9.95 4.15 -25.90
N CYS A 177 -8.99 3.30 -25.60
CA CYS A 177 -7.57 3.59 -25.89
C CYS A 177 -7.08 2.96 -27.17
N GLY A 178 -7.65 1.84 -27.55
CA GLY A 178 -7.13 1.09 -28.71
C GLY A 178 -5.64 0.80 -28.60
N ASP A 179 -4.96 0.97 -29.72
CA ASP A 179 -3.54 0.73 -29.86
CA ASP A 179 -3.55 0.60 -29.72
C ASP A 179 -2.64 1.63 -29.05
N LYS A 180 -3.21 2.71 -28.47
CA LYS A 180 -2.47 3.63 -27.65
C LYS A 180 -2.22 3.13 -26.27
N LEU A 181 -2.80 2.01 -25.91
CA LEU A 181 -2.54 1.45 -24.61
C LEU A 181 -2.60 -0.07 -24.73
N ASP A 182 -1.49 -0.71 -24.88
CA ASP A 182 -1.41 -2.16 -24.89
C ASP A 182 -1.88 -2.66 -23.53
N ILE A 183 -2.55 -3.81 -23.52
CA ILE A 183 -2.98 -4.45 -22.30
C ILE A 183 -2.24 -5.77 -22.06
N TYR A 184 -1.60 -5.85 -20.90
CA TYR A 184 -1.08 -7.09 -20.39
C TYR A 184 -1.96 -7.52 -19.29
N SER A 185 -2.35 -8.80 -19.28
CA SER A 185 -3.00 -9.34 -18.09
C SER A 185 -2.03 -9.28 -16.92
N GLY A 186 -2.51 -8.92 -15.75
CA GLY A 186 -1.79 -9.07 -14.52
C GLY A 186 -2.30 -10.19 -13.69
N ASN A 187 -3.17 -11.05 -14.22
CA ASN A 187 -3.64 -12.21 -13.54
C ASN A 187 -3.52 -13.42 -14.45
N ASP A 188 -2.85 -14.45 -14.06
CA ASP A 188 -2.58 -15.58 -14.86
C ASP A 188 -3.83 -16.39 -15.21
N ASP A 189 -4.84 -16.36 -14.37
CA ASP A 189 -6.08 -17.07 -14.64
C ASP A 189 -6.98 -16.33 -15.58
N GLN A 190 -6.54 -15.20 -16.12
CA GLN A 190 -7.32 -14.34 -16.99
C GLN A 190 -6.60 -14.07 -18.31
N ILE A 191 -5.58 -14.85 -18.64
CA ILE A 191 -4.83 -14.59 -19.85
C ILE A 191 -5.73 -14.67 -21.08
N ILE A 192 -6.42 -15.80 -21.25
CA ILE A 192 -7.25 -16.01 -22.42
C ILE A 192 -8.28 -14.91 -22.60
N PRO A 193 -9.13 -14.56 -21.58
CA PRO A 193 -10.13 -13.55 -21.86
C PRO A 193 -9.54 -12.20 -22.15
N ILE A 194 -8.40 -11.88 -21.54
CA ILE A 194 -7.77 -10.61 -21.81
C ILE A 194 -7.17 -10.53 -23.22
N LEU A 195 -6.50 -11.60 -23.64
CA LEU A 195 -6.02 -11.67 -25.03
C LEU A 195 -7.21 -11.58 -25.99
N ALA A 196 -8.35 -12.19 -25.62
CA ALA A 196 -9.50 -12.17 -26.47
C ALA A 196 -10.03 -10.79 -26.69
N LEU A 197 -9.88 -9.88 -25.70
CA LEU A 197 -10.26 -8.51 -25.77
C LEU A 197 -9.20 -7.64 -26.41
N GLY A 198 -8.14 -8.23 -26.95
CA GLY A 198 -7.11 -7.48 -27.63
C GLY A 198 -5.89 -7.20 -26.80
N GLY A 199 -5.75 -7.85 -25.67
CA GLY A 199 -4.48 -7.82 -24.95
C GLY A 199 -3.39 -8.47 -25.72
N ILE A 200 -2.15 -8.19 -25.39
CA ILE A 200 -0.99 -8.63 -26.12
C ILE A 200 -0.07 -9.54 -25.31
N GLY A 201 -0.42 -9.82 -24.07
CA GLY A 201 0.40 -10.72 -23.26
C GLY A 201 0.01 -10.69 -21.83
N VAL A 202 0.93 -11.15 -20.99
CA VAL A 202 0.75 -11.29 -19.59
C VAL A 202 2.06 -10.92 -18.93
N ILE A 203 1.95 -10.30 -17.75
CA ILE A 203 3.07 -10.17 -16.81
C ILE A 203 2.72 -11.13 -15.70
N SER A 204 3.48 -12.25 -15.66
CA SER A 204 3.04 -13.48 -15.11
C SER A 204 3.81 -13.96 -13.88
N VAL A 205 3.06 -14.44 -12.91
CA VAL A 205 3.60 -15.23 -11.80
C VAL A 205 3.86 -16.65 -12.19
N LEU A 206 2.88 -17.26 -12.85
CA LEU A 206 2.92 -18.63 -13.28
C LEU A 206 4.11 -18.95 -14.12
N ALA A 207 4.56 -18.01 -14.91
CA ALA A 207 5.73 -18.19 -15.78
C ALA A 207 7.00 -18.45 -14.97
N ASN A 208 7.03 -18.17 -13.67
CA ASN A 208 8.17 -18.53 -12.85
C ASN A 208 8.37 -20.00 -12.73
N VAL A 209 7.29 -20.80 -12.90
CA VAL A 209 7.37 -22.25 -12.78
C VAL A 209 7.12 -22.98 -14.11
N ILE A 210 6.31 -22.43 -15.01
CA ILE A 210 6.03 -23.06 -16.29
C ILE A 210 6.19 -22.05 -17.41
N PRO A 211 7.39 -21.52 -17.58
CA PRO A 211 7.57 -20.42 -18.55
C PRO A 211 7.16 -20.81 -19.97
N GLU A 212 7.50 -22.00 -20.42
CA GLU A 212 7.22 -22.36 -21.76
C GLU A 212 5.72 -22.47 -21.99
N ASP A 213 4.99 -23.00 -21.05
CA ASP A 213 3.55 -23.11 -21.20
C ASP A 213 2.89 -21.72 -21.28
N VAL A 214 3.35 -20.76 -20.49
CA VAL A 214 2.72 -19.46 -20.51
C VAL A 214 3.03 -18.79 -21.87
N HIS A 215 4.28 -18.90 -22.32
CA HIS A 215 4.63 -18.38 -23.62
C HIS A 215 3.76 -19.02 -24.71
N ASN A 216 3.63 -20.32 -24.66
CA ASN A 216 2.83 -21.01 -25.68
C ASN A 216 1.40 -20.64 -25.66
N MET A 217 0.82 -20.51 -24.46
CA MET A 217 -0.55 -20.05 -24.38
C MET A 217 -0.78 -18.72 -25.14
N CYS A 218 0.11 -17.79 -24.92
CA CYS A 218 -0.05 -16.51 -25.54
C CYS A 218 0.18 -16.63 -27.03
N GLU A 219 1.24 -17.29 -27.45
CA GLU A 219 1.57 -17.41 -28.86
C GLU A 219 0.46 -18.07 -29.64
N LEU A 220 -0.06 -19.14 -29.10
CA LEU A 220 -1.09 -19.84 -29.75
C LEU A 220 -2.28 -18.92 -29.92
N TYR A 221 -2.75 -18.25 -28.87
CA TYR A 221 -3.92 -17.42 -29.03
C TYR A 221 -3.70 -16.31 -30.06
N LEU A 222 -2.57 -15.63 -29.95
CA LEU A 222 -2.27 -14.47 -30.77
C LEU A 222 -2.11 -14.88 -32.20
N ASN A 223 -1.83 -16.15 -32.51
CA ASN A 223 -1.71 -16.71 -33.83
C ASN A 223 -2.98 -17.39 -34.28
N GLY A 224 -4.05 -17.20 -33.53
CA GLY A 224 -5.34 -17.74 -33.92
C GLY A 224 -5.71 -19.13 -33.50
N LYS A 225 -4.78 -19.85 -32.84
CA LYS A 225 -4.99 -21.19 -32.34
C LYS A 225 -5.63 -21.16 -30.97
N VAL A 226 -6.84 -20.58 -30.96
CA VAL A 226 -7.45 -20.10 -29.71
C VAL A 226 -7.86 -21.32 -28.84
N ASN A 227 -8.31 -22.41 -29.46
CA ASN A 227 -8.70 -23.55 -28.71
C ASN A 227 -7.50 -24.24 -28.06
N GLU A 228 -6.41 -24.33 -28.76
CA GLU A 228 -5.15 -24.86 -28.28
CA GLU A 228 -5.23 -24.91 -28.15
C GLU A 228 -4.70 -24.04 -27.06
N ALA A 229 -4.82 -22.74 -27.19
CA ALA A 229 -4.42 -21.80 -26.12
C ALA A 229 -5.28 -22.03 -24.85
N LEU A 230 -6.61 -22.11 -25.13
CA LEU A 230 -7.54 -22.30 -24.05
C LEU A 230 -7.28 -23.57 -23.26
N LYS A 231 -6.89 -24.64 -23.95
CA LYS A 231 -6.58 -25.86 -23.27
C LYS A 231 -5.47 -25.67 -22.24
N ILE A 232 -4.44 -24.92 -22.60
CA ILE A 232 -3.34 -24.70 -21.66
C ILE A 232 -3.87 -23.89 -20.47
N GLN A 233 -4.66 -22.85 -20.71
CA GLN A 233 -5.27 -22.09 -19.64
C GLN A 233 -6.04 -22.99 -18.70
N LEU A 234 -6.92 -23.83 -19.23
CA LEU A 234 -7.73 -24.63 -18.35
C LEU A 234 -6.97 -25.73 -17.64
N ASP A 235 -6.02 -26.36 -18.32
CA ASP A 235 -5.25 -27.41 -17.71
C ASP A 235 -4.38 -26.89 -16.58
N SER A 236 -3.90 -25.65 -16.67
CA SER A 236 -3.07 -25.05 -15.65
C SER A 236 -3.84 -24.23 -14.63
N LEU A 237 -5.16 -24.18 -14.74
CA LEU A 237 -5.94 -23.31 -13.87
C LEU A 237 -5.87 -23.66 -12.42
N ALA A 238 -5.95 -24.92 -12.04
CA ALA A 238 -5.93 -25.26 -10.64
C ALA A 238 -4.58 -24.91 -10.05
N LEU A 239 -3.49 -25.13 -10.79
CA LEU A 239 -2.16 -24.71 -10.30
C LEU A 239 -2.09 -23.22 -10.17
N THR A 240 -2.60 -22.51 -11.17
CA THR A 240 -2.62 -21.08 -11.17
C THR A 240 -3.32 -20.54 -9.91
N ASN A 241 -4.49 -21.07 -9.63
CA ASN A 241 -5.22 -20.65 -8.49
C ASN A 241 -4.49 -20.98 -7.18
N ALA A 242 -3.83 -22.11 -7.15
CA ALA A 242 -2.98 -22.50 -6.00
C ALA A 242 -1.87 -21.49 -5.74
N LEU A 243 -1.36 -20.89 -6.81
CA LEU A 243 -0.32 -19.90 -6.68
C LEU A 243 -0.79 -18.59 -6.08
N PHE A 244 -2.11 -18.46 -5.84
CA PHE A 244 -2.69 -17.32 -5.18
CA PHE A 244 -2.59 -17.27 -5.11
C PHE A 244 -3.46 -17.68 -3.94
N ILE A 245 -3.28 -18.88 -3.44
CA ILE A 245 -4.03 -19.32 -2.28
C ILE A 245 -3.60 -18.54 -1.06
N GLU A 246 -2.37 -18.06 -1.05
CA GLU A 246 -1.82 -17.07 -0.12
C GLU A 246 -1.22 -15.99 -0.95
N THR A 247 -0.96 -14.86 -0.30
CA THR A 247 -0.40 -13.73 -0.94
C THR A 247 0.84 -14.03 -1.80
N ASN A 248 0.74 -13.75 -3.10
CA ASN A 248 1.90 -13.88 -3.99
C ASN A 248 2.99 -12.92 -3.53
N PRO A 249 4.23 -13.34 -3.47
CA PRO A 249 4.87 -14.56 -3.96
C PRO A 249 5.06 -15.70 -2.98
N ILE A 250 4.27 -15.77 -1.88
CA ILE A 250 4.41 -16.86 -0.99
C ILE A 250 4.29 -18.19 -1.69
N PRO A 251 3.20 -18.45 -2.44
CA PRO A 251 3.13 -19.75 -3.07
C PRO A 251 4.13 -19.99 -4.14
N VAL A 252 4.46 -19.05 -4.99
CA VAL A 252 5.37 -19.33 -6.10
C VAL A 252 6.76 -19.62 -5.57
N LYS A 253 7.27 -18.90 -4.59
CA LYS A 253 8.58 -19.27 -4.06
CA LYS A 253 8.57 -19.20 -4.09
C LYS A 253 8.56 -20.61 -3.42
N THR A 254 7.46 -20.89 -2.68
CA THR A 254 7.32 -22.20 -2.09
C THR A 254 7.38 -23.28 -3.14
N ALA A 255 6.65 -23.09 -4.25
CA ALA A 255 6.58 -24.01 -5.35
C ALA A 255 7.92 -24.23 -5.98
N MET A 256 8.66 -23.16 -6.23
CA MET A 256 9.97 -23.26 -6.85
C MET A 256 10.91 -24.06 -5.98
N ASN A 257 10.84 -23.89 -4.67
CA ASN A 257 11.62 -24.72 -3.74
C ASN A 257 11.15 -26.18 -3.74
N LEU A 258 9.85 -26.45 -3.83
CA LEU A 258 9.36 -27.80 -3.95
C LEU A 258 9.85 -28.45 -5.21
N MET A 259 10.07 -27.67 -6.25
CA MET A 259 10.61 -28.10 -7.52
C MET A 259 12.12 -28.14 -7.53
N ASN A 260 12.73 -28.09 -6.36
CA ASN A 260 14.20 -28.19 -6.27
CA ASN A 260 14.18 -28.17 -6.19
C ASN A 260 15.01 -27.07 -6.84
N MET A 261 14.44 -25.88 -6.93
CA MET A 261 15.13 -24.76 -7.55
C MET A 261 15.96 -23.97 -6.56
N LYS A 262 15.82 -24.20 -5.26
CA LYS A 262 16.68 -23.56 -4.26
C LYS A 262 16.75 -22.05 -4.41
N VAL A 263 15.62 -21.41 -4.27
CA VAL A 263 15.46 -19.99 -4.41
C VAL A 263 15.35 -19.20 -3.10
N GLY A 264 15.58 -19.88 -1.98
CA GLY A 264 15.66 -19.23 -0.69
C GLY A 264 14.33 -18.93 -0.06
N ASP A 265 14.38 -18.17 1.00
CA ASP A 265 13.22 -17.86 1.82
C ASP A 265 12.65 -16.48 1.50
N LEU A 266 11.40 -16.33 1.86
CA LEU A 266 10.69 -15.08 1.79
C LEU A 266 11.12 -14.09 2.84
N ARG A 267 11.02 -12.82 2.60
CA ARG A 267 11.33 -11.79 3.62
C ARG A 267 10.02 -11.33 4.31
N LEU A 268 10.09 -11.16 5.60
CA LEU A 268 8.94 -10.66 6.35
C LEU A 268 8.52 -9.27 5.78
N PRO A 269 7.20 -9.05 5.62
CA PRO A 269 6.14 -9.74 6.36
C PRO A 269 5.58 -11.00 5.69
N LEU A 270 6.15 -11.41 4.55
CA LEU A 270 5.81 -12.68 3.95
C LEU A 270 6.44 -13.79 4.75
N CYS A 271 5.81 -14.97 4.71
CA CYS A 271 6.25 -16.09 5.50
C CYS A 271 5.77 -17.37 4.89
N GLU A 272 6.10 -18.47 5.50
CA GLU A 272 5.76 -19.79 5.12
CA GLU A 272 5.76 -19.76 4.95
C GLU A 272 4.26 -19.99 5.06
N MET A 273 3.80 -20.81 4.14
CA MET A 273 2.43 -21.20 4.05
C MET A 273 1.93 -21.98 5.25
N ASN A 274 0.61 -21.96 5.48
CA ASN A 274 0.02 -22.84 6.45
C ASN A 274 -0.11 -24.25 5.88
N GLU A 275 -0.40 -25.20 6.76
CA GLU A 275 -0.42 -26.59 6.38
C GLU A 275 -1.40 -26.92 5.29
N ASN A 276 -2.62 -26.49 5.46
CA ASN A 276 -3.63 -26.85 4.46
C ASN A 276 -3.30 -26.27 3.12
N ASN A 277 -2.85 -25.01 3.09
CA ASN A 277 -2.57 -24.43 1.82
C ASN A 277 -1.38 -25.03 1.15
N LEU A 278 -0.34 -25.36 1.93
CA LEU A 278 0.79 -26.08 1.36
C LEU A 278 0.38 -27.37 0.70
N GLU A 279 -0.52 -28.06 1.37
N GLU A 279 -0.49 -28.14 1.35
CA GLU A 279 -1.01 -29.27 0.80
CA GLU A 279 -0.95 -29.38 0.73
C GLU A 279 -1.67 -29.08 -0.52
C GLU A 279 -1.82 -29.21 -0.52
N ILE A 280 -2.54 -28.10 -0.64
CA ILE A 280 -3.22 -27.82 -1.91
C ILE A 280 -2.18 -27.50 -2.99
N LEU A 281 -1.18 -26.67 -2.66
CA LEU A 281 -0.18 -26.36 -3.62
C LEU A 281 0.54 -27.62 -4.08
N LYS A 282 0.96 -28.43 -3.16
CA LYS A 282 1.66 -29.66 -3.48
C LYS A 282 0.83 -30.56 -4.43
N LYS A 283 -0.43 -30.69 -4.08
CA LYS A 283 -1.35 -31.46 -4.90
C LYS A 283 -1.34 -30.96 -6.32
N GLU A 284 -1.46 -29.67 -6.54
CA GLU A 284 -1.52 -29.15 -7.89
C GLU A 284 -0.19 -29.18 -8.61
N LEU A 285 0.92 -29.04 -7.92
CA LEU A 285 2.22 -29.21 -8.54
C LEU A 285 2.41 -30.63 -9.01
N LYS A 286 2.04 -31.58 -8.18
CA LYS A 286 2.15 -32.97 -8.57
C LYS A 286 1.21 -33.29 -9.75
N ALA A 287 -0.02 -32.80 -9.70
CA ALA A 287 -0.99 -33.08 -10.76
C ALA A 287 -0.53 -32.51 -12.11
N TYR A 288 0.24 -31.44 -12.08
CA TYR A 288 0.77 -30.81 -13.27
C TYR A 288 2.17 -31.39 -13.61
N ASN A 289 2.61 -32.45 -12.91
CA ASN A 289 3.91 -33.08 -13.19
C ASN A 289 5.12 -32.21 -12.99
N LEU A 290 5.07 -31.35 -11.98
CA LEU A 290 6.15 -30.49 -11.59
C LEU A 290 6.97 -30.95 -10.43
N MET A 291 6.43 -31.90 -9.68
CA MET A 291 7.18 -32.50 -8.58
C MET A 291 6.62 -33.90 -8.40
N SER B 1 -3.93 2.72 29.46
CA SER B 1 -4.01 3.05 28.04
C SER B 1 -3.04 4.20 27.68
N ILE B 2 -2.67 4.35 26.43
CA ILE B 2 -1.78 5.45 26.04
C ILE B 2 -2.43 6.80 26.26
N PHE B 3 -3.71 6.87 25.87
CA PHE B 3 -4.54 8.05 26.05
C PHE B 3 -5.98 7.65 25.89
N LYS B 4 -6.88 8.47 26.34
CA LYS B 4 -8.29 8.34 26.06
C LYS B 4 -8.75 9.63 25.41
N GLY B 5 -9.80 9.56 24.59
CA GLY B 5 -10.36 10.77 23.97
C GLY B 5 -9.86 10.97 22.57
N SER B 6 -9.56 12.21 22.25
CA SER B 6 -9.24 12.63 20.90
C SER B 6 -7.76 12.72 20.69
N GLY B 7 -7.24 11.88 19.85
CA GLY B 7 -5.86 11.94 19.38
C GLY B 7 -5.80 12.49 17.99
N VAL B 8 -5.27 13.66 17.75
CA VAL B 8 -5.27 14.19 16.42
C VAL B 8 -4.19 13.47 15.60
N ALA B 9 -4.58 13.05 14.39
CA ALA B 9 -3.62 12.57 13.38
C ALA B 9 -3.19 13.84 12.67
N ILE B 10 -2.14 14.46 13.24
CA ILE B 10 -1.87 15.81 12.81
C ILE B 10 -1.32 15.81 11.40
N ILE B 11 -1.69 16.83 10.65
CA ILE B 11 -1.07 17.08 9.35
C ILE B 11 0.39 17.43 9.55
N THR B 12 1.19 17.26 8.50
CA THR B 12 2.56 17.81 8.47
C THR B 12 2.51 19.02 7.58
N PRO B 13 2.61 20.27 8.08
CA PRO B 13 2.65 21.41 7.22
C PRO B 13 4.00 21.47 6.51
N PHE B 14 3.96 21.68 5.22
CA PHE B 14 5.17 21.74 4.37
C PHE B 14 5.39 23.12 3.86
N THR B 15 6.68 23.50 3.81
CA THR B 15 7.10 24.61 2.92
C THR B 15 7.27 23.98 1.53
N ASN B 16 7.69 24.76 0.54
CA ASN B 16 7.91 24.15 -0.76
C ASN B 16 9.22 23.43 -0.89
N THR B 17 10.03 23.46 0.15
CA THR B 17 11.26 22.68 0.16
C THR B 17 11.44 21.76 1.37
N GLY B 18 10.48 21.66 2.30
CA GLY B 18 10.70 20.90 3.51
C GLY B 18 9.49 21.03 4.42
N VAL B 19 9.72 20.79 5.71
CA VAL B 19 8.71 20.82 6.77
C VAL B 19 8.63 22.19 7.36
N ASP B 20 7.43 22.76 7.51
CA ASP B 20 7.22 24.04 8.17
C ASP B 20 7.15 23.89 9.68
N PHE B 21 8.31 23.84 10.34
CA PHE B 21 8.35 23.62 11.76
C PHE B 21 7.70 24.72 12.57
N ASP B 22 7.80 25.95 12.10
CA ASP B 22 7.16 27.04 12.81
C ASP B 22 5.65 26.85 12.85
N LYS B 23 5.06 26.46 11.72
CA LYS B 23 3.66 26.20 11.69
C LYS B 23 3.30 24.98 12.54
N LEU B 24 4.10 23.93 12.47
CA LEU B 24 3.82 22.77 13.26
C LEU B 24 3.81 23.10 14.75
N SER B 25 4.74 23.97 15.19
CA SER B 25 4.74 24.40 16.57
C SER B 25 3.46 25.12 16.93
N GLU B 26 3.03 26.03 16.06
CA GLU B 26 1.74 26.70 16.29
CA GLU B 26 1.76 26.70 16.29
C GLU B 26 0.60 25.72 16.44
N LEU B 27 0.55 24.72 15.58
CA LEU B 27 -0.54 23.73 15.68
C LEU B 27 -0.45 22.96 16.98
N ILE B 28 0.76 22.60 17.42
CA ILE B 28 0.92 21.90 18.67
C ILE B 28 0.31 22.69 19.83
N GLU B 29 0.67 23.98 19.87
CA GLU B 29 0.19 24.82 20.98
C GLU B 29 -1.30 24.96 20.95
N TRP B 30 -1.85 25.09 19.76
CA TRP B 30 -3.29 25.20 19.57
C TRP B 30 -4.01 23.91 20.04
N HIS B 31 -3.42 22.75 19.68
CA HIS B 31 -4.04 21.51 20.14
C HIS B 31 -4.01 21.38 21.63
N ILE B 32 -2.92 21.81 22.27
CA ILE B 32 -2.86 21.67 23.75
C ILE B 32 -3.95 22.59 24.33
N LYS B 33 -4.10 23.81 23.82
CA LYS B 33 -5.09 24.72 24.36
C LYS B 33 -6.51 24.26 24.07
N SER B 34 -6.70 23.45 23.05
CA SER B 34 -8.01 23.03 22.57
C SER B 34 -8.41 21.68 23.16
N LYS B 35 -7.68 21.13 24.12
CA LYS B 35 -8.02 19.94 24.86
C LYS B 35 -7.79 18.66 24.09
N THR B 36 -7.02 18.70 23.00
CA THR B 36 -6.62 17.47 22.33
C THR B 36 -5.88 16.62 23.34
N ASP B 37 -6.22 15.34 23.31
CA ASP B 37 -5.72 14.37 24.29
C ASP B 37 -4.39 13.75 23.92
N ALA B 38 -4.05 13.71 22.64
CA ALA B 38 -2.83 13.08 22.19
C ALA B 38 -2.53 13.59 20.79
N ILE B 39 -1.28 13.53 20.37
CA ILE B 39 -0.90 13.84 18.97
C ILE B 39 -0.29 12.63 18.36
N ILE B 40 -0.83 12.24 17.18
CA ILE B 40 -0.25 11.17 16.37
C ILE B 40 0.46 11.87 15.24
N VAL B 41 1.78 11.75 15.21
CA VAL B 41 2.63 12.43 14.24
C VAL B 41 3.12 11.44 13.21
N CYS B 42 3.11 11.88 11.96
CA CYS B 42 3.53 11.06 10.82
C CYS B 42 2.64 9.84 10.65
N GLY B 43 1.36 10.01 10.90
CA GLY B 43 0.38 9.06 10.44
C GLY B 43 0.08 9.31 8.95
N THR B 44 -0.98 8.67 8.47
CA THR B 44 -1.40 8.86 7.08
C THR B 44 -1.77 10.31 6.83
N THR B 45 -2.48 10.94 7.78
CA THR B 45 -2.91 12.31 7.64
C THR B 45 -1.68 13.24 7.63
N GLY B 46 -0.57 12.81 8.17
CA GLY B 46 0.64 13.53 8.15
C GLY B 46 1.52 13.36 6.92
N GLU B 47 1.04 12.63 5.93
CA GLU B 47 1.78 12.50 4.63
C GLU B 47 3.15 11.93 4.85
N ALA B 48 3.26 10.95 5.75
CA ALA B 48 4.56 10.31 5.97
C ALA B 48 5.10 9.72 4.71
N THR B 49 4.25 9.17 3.86
CA THR B 49 4.68 8.49 2.62
C THR B 49 5.53 9.36 1.78
N THR B 50 5.24 10.64 1.70
CA THR B 50 5.94 11.52 0.80
C THR B 50 6.97 12.36 1.51
N MET B 51 7.33 12.01 2.73
CA MET B 51 8.42 12.63 3.48
C MET B 51 9.63 11.71 3.37
N THR B 52 10.84 12.30 3.38
CA THR B 52 12.05 11.53 3.47
C THR B 52 12.21 10.97 4.89
N GLU B 53 13.09 9.99 5.02
CA GLU B 53 13.36 9.41 6.31
C GLU B 53 13.83 10.50 7.29
N THR B 54 14.65 11.40 6.81
CA THR B 54 15.15 12.46 7.65
C THR B 54 14.03 13.42 8.04
N GLU B 55 13.16 13.77 7.10
CA GLU B 55 12.01 14.63 7.44
C GLU B 55 11.14 13.92 8.49
N ARG B 56 10.87 12.64 8.32
CA ARG B 56 10.03 11.90 9.27
CA ARG B 56 10.01 11.97 9.28
CA ARG B 56 10.02 11.95 9.28
C ARG B 56 10.65 11.99 10.66
N LYS B 57 11.94 11.66 10.74
CA LYS B 57 12.59 11.65 12.03
C LYS B 57 12.61 13.02 12.64
N GLU B 58 12.91 14.03 11.85
CA GLU B 58 12.95 15.39 12.39
CA GLU B 58 12.94 15.37 12.40
C GLU B 58 11.60 15.85 12.86
N THR B 59 10.55 15.50 12.13
CA THR B 59 9.18 15.89 12.45
C THR B 59 8.73 15.19 13.70
N ILE B 60 8.92 13.88 13.81
CA ILE B 60 8.51 13.10 14.99
C ILE B 60 9.22 13.65 16.20
N LYS B 61 10.53 13.85 16.08
CA LYS B 61 11.31 14.36 17.21
C LYS B 61 10.85 15.75 17.63
N PHE B 62 10.56 16.60 16.64
CA PHE B 62 10.06 17.95 16.88
C PHE B 62 8.79 17.95 17.71
N VAL B 63 7.85 17.10 17.28
CA VAL B 63 6.63 17.01 18.02
C VAL B 63 6.86 16.51 19.44
N ILE B 64 7.63 15.47 19.58
CA ILE B 64 7.95 14.97 20.92
C ILE B 64 8.53 16.07 21.76
N ASP B 65 9.53 16.75 21.23
CA ASP B 65 10.27 17.74 21.99
C ASP B 65 9.42 18.97 22.32
N LYS B 66 8.61 19.45 21.38
CA LYS B 66 7.74 20.58 21.62
C LYS B 66 6.62 20.26 22.56
N VAL B 67 5.98 19.10 22.38
CA VAL B 67 4.96 18.74 23.34
C VAL B 67 5.51 18.66 24.77
N ASN B 68 6.71 18.12 24.89
CA ASN B 68 7.42 18.15 26.15
C ASN B 68 6.63 17.52 27.25
N LYS B 69 6.05 16.33 26.95
CA LYS B 69 5.35 15.50 27.91
C LYS B 69 3.99 16.10 28.33
N ARG B 70 3.50 17.17 27.71
CA ARG B 70 2.25 17.71 28.17
C ARG B 70 1.05 16.82 27.84
N ILE B 71 1.11 16.13 26.71
CA ILE B 71 0.13 15.10 26.30
C ILE B 71 0.93 13.99 25.65
N PRO B 72 0.32 12.80 25.49
CA PRO B 72 1.04 11.75 24.80
C PRO B 72 1.26 12.02 23.33
N VAL B 73 2.42 11.60 22.84
CA VAL B 73 2.83 11.65 21.45
C VAL B 73 3.03 10.22 20.96
N ILE B 74 2.33 9.89 19.86
CA ILE B 74 2.41 8.63 19.18
C ILE B 74 2.94 8.88 17.81
N ALA B 75 3.90 8.06 17.36
CA ALA B 75 4.48 8.21 16.04
C ALA B 75 4.06 7.04 15.14
N GLY B 76 3.76 7.41 13.89
CA GLY B 76 3.66 6.39 12.83
C GLY B 76 5.01 5.85 12.50
N THR B 77 5.25 4.59 12.72
CA THR B 77 6.56 3.94 12.53
C THR B 77 6.47 2.71 11.65
N GLY B 78 5.31 2.26 11.28
CA GLY B 78 5.15 1.03 10.52
C GLY B 78 5.29 1.26 9.07
N SER B 79 5.73 0.27 8.37
CA SER B 79 5.72 0.19 6.93
C SER B 79 5.36 -1.21 6.48
N ASN B 80 5.41 -1.45 5.22
CA ASN B 80 5.17 -2.74 4.65
C ASN B 80 6.40 -3.62 4.57
N ASN B 81 7.49 -3.12 5.12
CA ASN B 81 8.73 -3.86 5.22
C ASN B 81 8.98 -4.06 6.68
N THR B 82 9.04 -5.30 7.20
CA THR B 82 9.14 -5.55 8.62
C THR B 82 10.45 -5.02 9.17
N ALA B 83 11.58 -5.27 8.49
CA ALA B 83 12.86 -4.77 9.00
C ALA B 83 12.80 -3.29 9.16
N ALA B 84 12.25 -2.56 8.19
CA ALA B 84 12.17 -1.14 8.26
C ALA B 84 11.28 -0.65 9.41
N SER B 85 10.22 -1.37 9.65
CA SER B 85 9.29 -1.04 10.74
C SER B 85 10.00 -1.25 12.09
N ILE B 86 10.77 -2.32 12.22
CA ILE B 86 11.52 -2.52 13.45
C ILE B 86 12.46 -1.35 13.64
N ALA B 87 13.24 -1.00 12.61
CA ALA B 87 14.28 0.03 12.78
C ALA B 87 13.62 1.35 13.16
N MET B 88 12.53 1.74 12.48
CA MET B 88 11.91 3.00 12.78
C MET B 88 11.29 3.03 14.16
N SER B 89 10.71 1.92 14.56
CA SER B 89 10.09 1.81 15.86
C SER B 89 11.12 1.90 16.97
N LYS B 90 12.26 1.20 16.80
CA LYS B 90 13.36 1.33 17.77
CA LYS B 90 13.30 1.30 17.82
C LYS B 90 13.80 2.75 17.88
N TRP B 91 13.95 3.40 16.75
CA TRP B 91 14.39 4.78 16.72
C TRP B 91 13.44 5.68 17.51
N ALA B 92 12.14 5.58 17.22
CA ALA B 92 11.19 6.43 17.88
C ALA B 92 11.17 6.22 19.39
N GLU B 93 11.31 4.95 19.81
CA GLU B 93 11.38 4.63 21.20
C GLU B 93 12.62 5.36 21.82
N SER B 94 13.74 5.34 21.09
CA SER B 94 14.96 5.86 21.63
C SER B 94 14.96 7.33 21.85
N ILE B 95 14.05 8.08 21.24
CA ILE B 95 13.94 9.47 21.42
C ILE B 95 12.70 9.89 22.19
N GLY B 96 12.08 8.94 22.88
CA GLY B 96 11.10 9.27 23.87
C GLY B 96 9.64 9.32 23.41
N VAL B 97 9.29 8.67 22.33
CA VAL B 97 7.89 8.60 21.94
C VAL B 97 7.08 7.87 22.99
N ASP B 98 5.76 8.17 23.13
CA ASP B 98 4.94 7.44 24.10
C ASP B 98 4.24 6.25 23.53
N GLY B 99 4.09 6.14 22.25
CA GLY B 99 3.44 5.03 21.61
C GLY B 99 3.81 4.98 20.15
N LEU B 100 3.58 3.83 19.56
CA LEU B 100 3.90 3.58 18.14
C LEU B 100 2.61 3.19 17.46
N LEU B 101 2.33 3.85 16.35
CA LEU B 101 1.20 3.49 15.49
C LEU B 101 1.80 2.68 14.35
N VAL B 102 1.41 1.41 14.28
CA VAL B 102 2.05 0.44 13.40
C VAL B 102 1.01 -0.17 12.49
N ILE B 103 1.01 0.26 11.24
CA ILE B 103 0.08 -0.21 10.23
C ILE B 103 0.37 -1.66 9.88
N THR B 104 -0.69 -2.32 9.43
CA THR B 104 -0.50 -3.60 8.75
C THR B 104 0.37 -3.36 7.50
N PRO B 105 1.01 -4.42 7.02
CA PRO B 105 1.53 -4.34 5.64
C PRO B 105 0.45 -4.00 4.68
N TYR B 106 0.87 -3.37 3.60
CA TYR B 106 0.03 -2.80 2.57
C TYR B 106 0.73 -3.05 1.26
N TYR B 107 -0.08 -3.26 0.22
CA TYR B 107 0.44 -3.46 -1.17
C TYR B 107 1.08 -4.85 -1.29
N ASN B 108 2.23 -5.09 -0.67
CA ASN B 108 2.76 -6.45 -0.65
C ASN B 108 1.82 -7.37 0.15
N LYS B 109 1.21 -6.85 1.21
CA LYS B 109 0.36 -7.59 2.05
C LYS B 109 1.06 -8.79 2.66
N THR B 110 0.31 -9.70 3.29
CA THR B 110 0.76 -10.93 3.79
C THR B 110 -0.51 -11.69 4.24
N THR B 111 -0.32 -12.87 4.79
CA THR B 111 -1.38 -13.72 5.32
C THR B 111 -1.67 -13.32 6.75
N GLN B 112 -2.72 -13.88 7.36
CA GLN B 112 -2.94 -13.67 8.78
C GLN B 112 -1.76 -14.21 9.61
N LYS B 113 -1.21 -15.36 9.18
CA LYS B 113 -0.01 -15.92 9.82
C LYS B 113 1.12 -14.93 9.74
N GLY B 114 1.30 -14.31 8.60
CA GLY B 114 2.35 -13.33 8.43
C GLY B 114 2.11 -12.08 9.25
N LEU B 115 0.84 -11.65 9.43
CA LEU B 115 0.54 -10.53 10.26
C LEU B 115 0.98 -10.76 11.68
N VAL B 116 0.72 -11.96 12.21
CA VAL B 116 1.19 -12.29 13.57
C VAL B 116 2.69 -12.17 13.64
N LYS B 117 3.40 -12.74 12.64
CA LYS B 117 4.87 -12.63 12.63
C LYS B 117 5.36 -11.23 12.53
N HIS B 118 4.72 -10.41 11.70
CA HIS B 118 5.13 -9.03 11.54
C HIS B 118 5.00 -8.25 12.83
N PHE B 119 3.83 -8.35 13.47
CA PHE B 119 3.58 -7.60 14.68
C PHE B 119 4.38 -8.08 15.84
N LYS B 120 4.58 -9.39 15.94
CA LYS B 120 5.45 -9.92 16.95
C LYS B 120 6.89 -9.52 16.77
N ALA B 121 7.35 -9.42 15.52
CA ALA B 121 8.72 -9.02 15.25
C ALA B 121 8.93 -7.58 15.68
N VAL B 122 7.98 -6.70 15.37
CA VAL B 122 8.08 -5.30 15.81
C VAL B 122 8.00 -5.19 17.31
N SER B 123 7.07 -5.92 17.93
CA SER B 123 6.93 -5.85 19.36
C SER B 123 8.15 -6.35 20.08
N ASP B 124 8.71 -7.45 19.60
CA ASP B 124 9.85 -8.05 20.25
C ASP B 124 11.01 -7.13 20.29
N ALA B 125 11.06 -6.20 19.34
CA ALA B 125 12.17 -5.25 19.19
C ALA B 125 12.10 -4.04 20.12
N VAL B 126 10.97 -3.81 20.79
CA VAL B 126 10.73 -2.57 21.54
C VAL B 126 10.15 -2.87 22.91
N SER B 127 10.05 -1.83 23.72
CA SER B 127 9.44 -1.85 25.01
CA SER B 127 9.39 -1.90 25.01
C SER B 127 8.51 -0.64 25.16
N THR B 128 7.81 -0.26 24.07
CA THR B 128 6.93 0.91 23.98
C THR B 128 5.58 0.38 23.52
N PRO B 129 4.50 0.99 23.99
CA PRO B 129 3.18 0.50 23.56
C PRO B 129 2.95 0.69 22.08
N ILE B 130 2.26 -0.26 21.50
CA ILE B 130 1.93 -0.33 20.07
C ILE B 130 0.43 -0.30 19.87
N ILE B 131 0.04 0.55 18.94
CA ILE B 131 -1.30 0.60 18.39
C ILE B 131 -1.27 0.01 16.99
N ILE B 132 -1.94 -1.10 16.77
CA ILE B 132 -2.05 -1.70 15.45
C ILE B 132 -3.01 -0.82 14.68
N TYR B 133 -2.68 -0.55 13.42
CA TYR B 133 -3.54 0.27 12.56
CA TYR B 133 -3.58 0.26 12.55
C TYR B 133 -4.09 -0.57 11.43
N ASN B 134 -5.41 -0.78 11.43
CA ASN B 134 -6.12 -1.60 10.44
C ASN B 134 -6.93 -0.66 9.56
N VAL B 135 -6.59 -0.61 8.28
CA VAL B 135 -7.23 0.30 7.34
C VAL B 135 -7.28 -0.40 5.98
N PRO B 136 -8.09 -1.44 5.85
CA PRO B 136 -8.10 -2.25 4.64
C PRO B 136 -8.46 -1.51 3.40
N GLY B 137 -9.24 -0.46 3.48
CA GLY B 137 -9.54 0.27 2.28
C GLY B 137 -8.32 0.95 1.65
N ARG B 138 -7.28 1.16 2.41
CA ARG B 138 -6.02 1.69 1.95
C ARG B 138 -4.96 0.61 1.71
N THR B 139 -4.94 -0.43 2.52
CA THR B 139 -3.84 -1.40 2.51
C THR B 139 -4.09 -2.61 1.66
N GLY B 140 -5.35 -2.87 1.40
CA GLY B 140 -5.80 -4.08 0.79
C GLY B 140 -5.88 -5.29 1.73
N LEU B 141 -5.62 -5.06 3.04
CA LEU B 141 -5.46 -6.18 3.96
C LEU B 141 -6.20 -5.89 5.24
N ASN B 142 -7.07 -6.78 5.64
CA ASN B 142 -7.78 -6.67 6.91
C ASN B 142 -7.21 -7.62 7.97
N ILE B 143 -6.74 -7.06 9.07
CA ILE B 143 -6.38 -7.95 10.17
C ILE B 143 -7.67 -8.34 10.87
N THR B 144 -7.87 -9.63 11.03
CA THR B 144 -9.09 -10.14 11.57
C THR B 144 -9.17 -10.04 13.06
N PRO B 145 -10.39 -10.11 13.66
CA PRO B 145 -10.51 -10.22 15.11
C PRO B 145 -9.78 -11.42 15.69
N GLY B 146 -9.79 -12.54 14.99
CA GLY B 146 -9.10 -13.71 15.46
C GLY B 146 -7.60 -13.46 15.49
N THR B 147 -7.06 -12.79 14.49
CA THR B 147 -5.63 -12.50 14.53
C THR B 147 -5.30 -11.51 15.65
N LEU B 148 -6.16 -10.51 15.84
CA LEU B 148 -5.97 -9.57 16.95
C LEU B 148 -5.98 -10.28 18.28
N LYS B 149 -6.81 -11.30 18.41
CA LYS B 149 -6.88 -12.12 19.64
C LYS B 149 -5.58 -12.78 19.87
N GLU B 150 -4.88 -13.22 18.84
CA GLU B 150 -3.57 -13.86 19.00
CA GLU B 150 -3.56 -13.82 18.99
C GLU B 150 -2.52 -12.88 19.42
N LEU B 151 -2.65 -11.60 19.14
CA LEU B 151 -1.67 -10.53 19.39
C LEU B 151 -1.95 -9.76 20.70
N CYS B 152 -3.18 -9.74 21.15
CA CYS B 152 -3.49 -8.82 22.23
C CYS B 152 -2.91 -9.19 23.59
N GLU B 153 -2.40 -10.40 23.75
CA GLU B 153 -1.73 -10.74 25.03
C GLU B 153 -0.27 -10.36 24.96
N ASP B 154 0.22 -9.87 23.82
CA ASP B 154 1.61 -9.43 23.67
C ASP B 154 1.79 -8.22 24.57
N LYS B 155 2.94 -8.12 25.24
CA LYS B 155 3.15 -7.07 26.27
C LYS B 155 2.98 -5.66 25.74
N ASN B 156 3.47 -5.42 24.56
CA ASN B 156 3.47 -4.10 24.02
C ASN B 156 2.23 -3.80 23.21
N ILE B 157 1.47 -4.76 22.74
CA ILE B 157 0.33 -4.52 21.84
C ILE B 157 -0.87 -4.18 22.70
N VAL B 158 -1.20 -2.89 22.74
CA VAL B 158 -2.20 -2.36 23.69
C VAL B 158 -3.48 -1.92 23.08
N ALA B 159 -3.48 -1.67 21.76
CA ALA B 159 -4.60 -1.02 21.15
C ALA B 159 -4.64 -1.25 19.65
N VAL B 160 -5.79 -0.96 19.05
CA VAL B 160 -5.98 -0.94 17.63
C VAL B 160 -6.66 0.32 17.24
N KPI B 161 -6.19 0.94 16.16
CA KPI B 161 -6.84 2.06 15.43
CB KPI B 161 -5.80 2.98 14.86
CG KPI B 161 -6.45 4.12 14.03
CD KPI B 161 -5.42 5.03 13.44
CE KPI B 161 -5.99 6.10 12.52
NZ KPI B 161 -4.90 6.89 11.93
CX1 KPI B 161 -5.10 7.93 11.08
C1 KPI B 161 -6.23 8.78 11.14
CX2 KPI B 161 -3.87 8.41 10.36
O1 KPI B 161 -3.92 9.45 9.67
O2 KPI B 161 -2.80 7.69 10.46
C KPI B 161 -7.62 1.34 14.34
O KPI B 161 -7.03 0.83 13.38
N GLU B 162 -8.93 1.26 14.53
CA GLU B 162 -9.80 0.46 13.67
C GLU B 162 -10.49 1.34 12.68
N ALA B 163 -9.96 1.29 11.46
CA ALA B 163 -10.48 2.11 10.35
C ALA B 163 -11.11 1.24 9.29
N SER B 164 -11.54 0.02 9.58
CA SER B 164 -12.24 -0.79 8.61
C SER B 164 -13.60 -0.25 8.25
N GLY B 165 -14.22 0.46 9.17
CA GLY B 165 -15.61 0.84 8.99
C GLY B 165 -16.60 -0.25 9.22
N ASN B 166 -16.20 -1.40 9.70
CA ASN B 166 -17.03 -2.55 9.85
C ASN B 166 -17.39 -2.70 11.33
N ILE B 167 -18.57 -2.24 11.71
CA ILE B 167 -18.93 -2.19 13.10
C ILE B 167 -19.08 -3.59 13.74
N SER B 168 -19.48 -4.55 12.90
CA SER B 168 -19.55 -5.93 13.35
C SER B 168 -18.19 -6.41 13.81
N GLN B 169 -17.21 -6.12 13.00
CA GLN B 169 -15.87 -6.50 13.30
C GLN B 169 -15.35 -5.86 14.63
N ILE B 170 -15.68 -4.60 14.81
CA ILE B 170 -15.24 -3.97 15.99
CA ILE B 170 -15.42 -3.81 16.10
C ILE B 170 -15.90 -4.62 17.29
N ALA B 171 -17.18 -5.00 17.23
CA ALA B 171 -17.83 -5.70 18.29
C ALA B 171 -17.07 -6.97 18.59
N GLN B 172 -16.70 -7.72 17.52
CA GLN B 172 -16.00 -8.97 17.71
C GLN B 172 -14.65 -8.74 18.37
N ILE B 173 -13.92 -7.72 18.00
CA ILE B 173 -12.64 -7.43 18.64
C ILE B 173 -12.85 -7.23 20.14
N LYS B 174 -13.82 -6.42 20.51
CA LYS B 174 -14.03 -6.18 21.92
C LYS B 174 -14.41 -7.44 22.70
N ALA B 175 -15.28 -8.23 22.08
CA ALA B 175 -15.75 -9.47 22.70
C ALA B 175 -14.56 -10.39 22.93
N LEU B 176 -13.61 -10.49 22.00
CA LEU B 176 -12.54 -11.43 22.11
C LEU B 176 -11.39 -10.90 23.00
N CYS B 177 -11.05 -9.64 22.88
CA CYS B 177 -9.88 -9.10 23.51
C CYS B 177 -10.16 -8.38 24.81
N GLY B 178 -11.34 -7.80 24.94
CA GLY B 178 -11.61 -7.05 26.14
C GLY B 178 -10.58 -5.94 26.37
N ASP B 179 -10.23 -5.77 27.61
CA ASP B 179 -9.29 -4.74 28.06
CA ASP B 179 -9.33 -4.66 27.94
C ASP B 179 -7.88 -4.91 27.56
N LYS B 180 -7.57 -6.06 26.97
CA LYS B 180 -6.26 -6.34 26.41
C LYS B 180 -6.00 -5.63 25.10
N LEU B 181 -7.03 -5.07 24.50
CA LEU B 181 -6.87 -4.32 23.26
C LEU B 181 -7.82 -3.16 23.29
N ASP B 182 -7.30 -2.01 23.61
CA ASP B 182 -8.09 -0.80 23.53
C ASP B 182 -8.45 -0.54 22.08
N ILE B 183 -9.63 0.01 21.84
CA ILE B 183 -10.06 0.35 20.48
C ILE B 183 -10.19 1.84 20.37
N TYR B 184 -9.46 2.38 19.38
CA TYR B 184 -9.62 3.74 18.93
C TYR B 184 -10.36 3.73 17.60
N SER B 185 -11.39 4.54 17.41
CA SER B 185 -11.91 4.69 16.07
C SER B 185 -10.85 5.29 15.19
N GLY B 186 -10.73 4.79 13.96
CA GLY B 186 -10.02 5.43 12.90
C GLY B 186 -10.84 6.09 11.87
N ASN B 187 -12.13 6.27 12.13
CA ASN B 187 -13.05 7.03 11.31
C ASN B 187 -13.85 7.98 12.13
N ASP B 188 -13.82 9.26 11.78
CA ASP B 188 -14.47 10.29 12.56
C ASP B 188 -15.99 10.23 12.56
N ASP B 189 -16.59 9.62 11.52
CA ASP B 189 -18.00 9.45 11.43
C ASP B 189 -18.53 8.27 12.20
N GLN B 190 -17.63 7.56 12.89
CA GLN B 190 -17.95 6.33 13.62
C GLN B 190 -17.51 6.42 15.09
N ILE B 191 -17.24 7.62 15.58
CA ILE B 191 -16.81 7.72 16.96
C ILE B 191 -17.83 7.22 17.91
N ILE B 192 -19.06 7.73 17.84
CA ILE B 192 -20.09 7.31 18.77
C ILE B 192 -20.32 5.81 18.83
N PRO B 193 -20.54 5.15 17.66
CA PRO B 193 -20.78 3.68 17.74
C PRO B 193 -19.60 2.89 18.25
N ILE B 194 -18.40 3.36 17.98
CA ILE B 194 -17.23 2.67 18.46
C ILE B 194 -17.02 2.85 19.98
N LEU B 195 -17.23 4.08 20.46
CA LEU B 195 -17.24 4.32 21.91
C LEU B 195 -18.35 3.48 22.55
N ALA B 196 -19.47 3.33 21.89
CA ALA B 196 -20.59 2.57 22.47
C ALA B 196 -20.29 1.13 22.66
N LEU B 197 -19.39 0.57 21.81
CA LEU B 197 -18.92 -0.77 21.90
C LEU B 197 -17.75 -0.93 22.83
N GLY B 198 -17.36 0.11 23.55
CA GLY B 198 -16.26 0.05 24.50
C GLY B 198 -14.97 0.61 24.00
N GLY B 199 -14.96 1.30 22.89
CA GLY B 199 -13.81 2.04 22.48
C GLY B 199 -13.49 3.15 23.47
N ILE B 200 -12.27 3.67 23.40
CA ILE B 200 -11.77 4.67 24.37
C ILE B 200 -11.39 5.98 23.72
N GLY B 201 -11.53 6.11 22.41
CA GLY B 201 -11.22 7.40 21.78
C GLY B 201 -11.18 7.22 20.29
N VAL B 202 -10.55 8.18 19.64
CA VAL B 202 -10.46 8.31 18.22
C VAL B 202 -9.06 8.82 17.91
N ILE B 203 -8.51 8.34 16.78
CA ILE B 203 -7.35 8.95 16.16
C ILE B 203 -7.86 9.60 14.94
N SER B 204 -7.94 10.91 14.98
CA SER B 204 -8.87 11.76 14.24
C SER B 204 -8.23 12.68 13.19
N VAL B 205 -8.90 12.71 12.04
CA VAL B 205 -8.69 13.74 11.03
C VAL B 205 -9.39 15.02 11.38
N LEU B 206 -10.67 14.90 11.75
CA LEU B 206 -11.53 16.03 12.08
C LEU B 206 -10.97 16.89 13.15
N ALA B 207 -10.23 16.29 14.09
CA ALA B 207 -9.62 17.06 15.19
C ALA B 207 -8.60 18.07 14.67
N ASN B 208 -8.13 17.93 13.44
CA ASN B 208 -7.28 19.00 12.86
C ASN B 208 -7.93 20.34 12.68
N VAL B 209 -9.26 20.30 12.55
CA VAL B 209 -10.01 21.52 12.35
C VAL B 209 -10.95 21.93 13.51
N ILE B 210 -11.45 20.95 14.25
CA ILE B 210 -12.35 21.18 15.38
C ILE B 210 -11.90 20.34 16.59
N PRO B 211 -10.66 20.56 17.06
CA PRO B 211 -10.13 19.68 18.10
C PRO B 211 -11.01 19.69 19.36
N GLU B 212 -11.50 20.83 19.80
CA GLU B 212 -12.24 20.80 21.05
C GLU B 212 -13.52 20.04 20.91
N ASP B 213 -14.18 20.14 19.77
CA ASP B 213 -15.44 19.37 19.59
C ASP B 213 -15.19 17.89 19.62
N VAL B 214 -14.11 17.44 18.99
CA VAL B 214 -13.81 15.99 19.01
C VAL B 214 -13.51 15.52 20.39
N HIS B 215 -12.68 16.30 21.14
CA HIS B 215 -12.41 15.97 22.52
C HIS B 215 -13.72 15.90 23.32
N ASN B 216 -14.59 16.90 23.15
CA ASN B 216 -15.82 16.95 23.91
C ASN B 216 -16.76 15.79 23.58
N MET B 217 -16.85 15.42 22.31
CA MET B 217 -17.66 14.30 21.94
C MET B 217 -17.26 13.07 22.72
N CYS B 218 -15.96 12.80 22.74
CA CYS B 218 -15.47 11.63 23.43
C CYS B 218 -15.70 11.68 24.92
N GLU B 219 -15.32 12.85 25.53
CA GLU B 219 -15.45 13.01 26.95
C GLU B 219 -16.87 12.88 27.42
N LEU B 220 -17.80 13.46 26.69
CA LEU B 220 -19.19 13.36 27.02
C LEU B 220 -19.64 11.91 27.01
N TYR B 221 -19.33 11.19 25.93
CA TYR B 221 -19.82 9.83 25.82
C TYR B 221 -19.23 8.97 26.90
N LEU B 222 -17.91 9.11 27.14
CA LEU B 222 -17.24 8.28 28.11
C LEU B 222 -17.71 8.57 29.52
N ASN B 223 -18.28 9.73 29.78
CA ASN B 223 -18.82 10.19 31.06
CA ASN B 223 -18.80 10.08 31.08
C ASN B 223 -20.31 9.87 31.15
N GLY B 224 -20.87 9.20 30.16
CA GLY B 224 -22.25 8.76 30.20
C GLY B 224 -23.25 9.77 29.68
N LYS B 225 -22.75 10.91 29.17
CA LYS B 225 -23.59 11.95 28.59
C LYS B 225 -23.78 11.67 27.10
N VAL B 226 -24.41 10.52 26.80
CA VAL B 226 -24.34 9.92 25.50
C VAL B 226 -25.14 10.72 24.51
N ASN B 227 -26.27 11.28 24.93
CA ASN B 227 -27.05 12.11 24.03
C ASN B 227 -26.40 13.42 23.62
N GLU B 228 -25.72 14.02 24.58
CA GLU B 228 -25.00 15.22 24.26
C GLU B 228 -23.85 14.92 23.29
N ALA B 229 -23.16 13.81 23.50
CA ALA B 229 -22.08 13.37 22.57
C ALA B 229 -22.64 13.14 21.18
N LEU B 230 -23.77 12.44 21.10
CA LEU B 230 -24.35 12.13 19.82
C LEU B 230 -24.69 13.41 19.08
N LYS B 231 -25.14 14.43 19.75
CA LYS B 231 -25.49 15.63 19.06
C LYS B 231 -24.27 16.23 18.36
N ILE B 232 -23.11 16.19 18.98
CA ILE B 232 -21.90 16.70 18.31
C ILE B 232 -21.59 15.83 17.11
N GLN B 233 -21.64 14.53 17.25
CA GLN B 233 -21.42 13.66 16.11
C GLN B 233 -22.34 14.02 14.96
N LEU B 234 -23.63 14.15 15.20
CA LEU B 234 -24.52 14.39 14.11
C LEU B 234 -24.40 15.79 13.55
N ASP B 235 -24.16 16.79 14.39
CA ASP B 235 -24.04 18.17 13.89
C ASP B 235 -22.79 18.35 13.05
N SER B 236 -21.74 17.56 13.32
CA SER B 236 -20.49 17.62 12.56
C SER B 236 -20.41 16.61 11.45
N LEU B 237 -21.43 15.79 11.22
CA LEU B 237 -21.30 14.69 10.30
C LEU B 237 -21.10 15.11 8.89
N ALA B 238 -21.83 16.11 8.42
CA ALA B 238 -21.68 16.54 7.02
C ALA B 238 -20.27 17.08 6.77
N LEU B 239 -19.73 17.83 7.70
CA LEU B 239 -18.35 18.32 7.59
C LEU B 239 -17.41 17.11 7.60
N THR B 240 -17.59 16.15 8.50
CA THR B 240 -16.77 15.01 8.59
C THR B 240 -16.73 14.27 7.25
N ASN B 241 -17.89 14.07 6.68
CA ASN B 241 -17.96 13.38 5.42
CA ASN B 241 -18.01 13.38 5.41
C ASN B 241 -17.31 14.16 4.30
N ALA B 242 -17.40 15.47 4.34
CA ALA B 242 -16.71 16.31 3.36
C ALA B 242 -15.21 16.17 3.49
N LEU B 243 -14.70 15.90 4.66
CA LEU B 243 -13.28 15.68 4.82
C LEU B 243 -12.75 14.40 4.24
N PHE B 244 -13.64 13.56 3.71
CA PHE B 244 -13.29 12.32 3.01
CA PHE B 244 -13.15 12.38 2.98
C PHE B 244 -13.83 12.28 1.63
N ILE B 245 -14.27 13.40 1.08
CA ILE B 245 -14.85 13.43 -0.23
C ILE B 245 -13.76 13.15 -1.30
N GLU B 246 -12.51 13.45 -0.98
CA GLU B 246 -11.33 13.02 -1.67
C GLU B 246 -10.39 12.44 -0.66
N THR B 247 -9.39 11.71 -1.14
CA THR B 247 -8.42 11.05 -0.31
C THR B 247 -7.88 11.96 0.79
N ASN B 248 -8.08 11.53 2.06
CA ASN B 248 -7.46 12.27 3.13
C ASN B 248 -5.96 12.14 3.01
N PRO B 249 -5.16 13.18 3.23
CA PRO B 249 -5.54 14.48 3.78
C PRO B 249 -5.76 15.59 2.79
N ILE B 250 -6.17 15.31 1.53
CA ILE B 250 -6.45 16.39 0.59
C ILE B 250 -7.51 17.35 1.18
N PRO B 251 -8.70 16.87 1.62
CA PRO B 251 -9.64 17.82 2.11
C PRO B 251 -9.21 18.52 3.40
N VAL B 252 -8.63 17.85 4.37
CA VAL B 252 -8.36 18.52 5.61
C VAL B 252 -7.33 19.63 5.43
N LYS B 253 -6.30 19.37 4.61
CA LYS B 253 -5.32 20.38 4.40
CA LYS B 253 -5.34 20.48 4.38
C LYS B 253 -5.98 21.60 3.66
N THR B 254 -6.83 21.27 2.65
CA THR B 254 -7.54 22.31 1.95
C THR B 254 -8.37 23.13 2.94
N ALA B 255 -9.08 22.47 3.82
CA ALA B 255 -9.91 23.09 4.83
C ALA B 255 -9.13 23.99 5.74
N MET B 256 -8.00 23.52 6.22
CA MET B 256 -7.18 24.32 7.11
C MET B 256 -6.74 25.56 6.41
N ASN B 257 -6.37 25.50 5.13
CA ASN B 257 -6.03 26.68 4.39
C ASN B 257 -7.19 27.61 4.18
N LEU B 258 -8.39 27.08 3.95
CA LEU B 258 -9.60 27.88 3.88
C LEU B 258 -9.90 28.59 5.16
N MET B 259 -9.46 28.04 6.27
CA MET B 259 -9.60 28.57 7.60
C MET B 259 -8.43 29.50 7.97
N ASN B 260 -7.64 29.86 6.98
CA ASN B 260 -6.55 30.84 7.19
CA ASN B 260 -6.54 30.80 7.08
C ASN B 260 -5.43 30.30 8.01
N MET B 261 -5.20 28.99 8.06
CA MET B 261 -4.16 28.44 8.89
CA MET B 261 -4.19 28.47 8.89
C MET B 261 -2.82 28.34 8.19
N LYS B 262 -2.77 28.53 6.86
CA LYS B 262 -1.47 28.60 6.15
C LYS B 262 -0.56 27.39 6.42
N VAL B 263 -1.09 26.26 6.04
CA VAL B 263 -0.45 25.01 6.26
C VAL B 263 0.21 24.44 5.01
N GLY B 264 0.27 25.19 3.92
CA GLY B 264 1.00 24.77 2.72
C GLY B 264 0.28 23.78 1.84
N ASP B 265 1.04 23.29 0.87
CA ASP B 265 0.47 22.43 -0.18
C ASP B 265 0.75 21.00 0.09
N LEU B 266 -0.05 20.13 -0.53
CA LEU B 266 0.12 18.71 -0.50
C LEU B 266 1.26 18.26 -1.37
N ARG B 267 1.85 17.12 -1.08
CA ARG B 267 2.92 16.54 -1.92
C ARG B 267 2.31 15.47 -2.85
N LEU B 268 2.77 15.45 -4.10
CA LEU B 268 2.33 14.42 -5.06
C LEU B 268 2.66 13.02 -4.46
N PRO B 269 1.71 12.09 -4.59
CA PRO B 269 0.63 12.10 -5.61
C PRO B 269 -0.66 12.77 -5.16
N LEU B 270 -0.72 13.33 -3.97
CA LEU B 270 -1.84 14.11 -3.57
C LEU B 270 -1.83 15.43 -4.29
N CYS B 271 -3.00 16.05 -4.45
CA CYS B 271 -3.12 17.28 -5.20
C CYS B 271 -4.41 17.97 -4.82
N GLU B 272 -4.60 19.12 -5.40
CA GLU B 272 -5.75 19.97 -5.15
C GLU B 272 -7.07 19.29 -5.53
N MET B 273 -8.09 19.63 -4.79
CA MET B 273 -9.39 19.13 -5.04
C MET B 273 -9.95 19.59 -6.34
N ASN B 274 -10.92 18.81 -6.87
CA ASN B 274 -11.67 19.27 -8.03
C ASN B 274 -12.72 20.34 -7.63
N GLU B 275 -13.29 20.99 -8.60
CA GLU B 275 -14.14 22.13 -8.32
C GLU B 275 -15.37 21.75 -7.51
N ASN B 276 -16.07 20.71 -7.94
CA ASN B 276 -17.29 20.33 -7.26
C ASN B 276 -17.03 19.94 -5.84
N ASN B 277 -15.97 19.16 -5.61
CA ASN B 277 -15.68 18.73 -4.26
C ASN B 277 -15.25 19.88 -3.37
N LEU B 278 -14.46 20.81 -3.93
CA LEU B 278 -14.08 21.99 -3.18
C LEU B 278 -15.32 22.77 -2.74
N GLU B 279 -16.30 22.87 -3.63
CA GLU B 279 -17.47 23.59 -3.23
C GLU B 279 -18.29 22.90 -2.14
N ILE B 280 -18.35 21.57 -2.12
CA ILE B 280 -18.99 20.85 -1.06
C ILE B 280 -18.27 21.11 0.28
N LEU B 281 -16.94 21.05 0.23
CA LEU B 281 -16.17 21.29 1.45
C LEU B 281 -16.43 22.70 1.99
N LYS B 282 -16.38 23.70 1.11
CA LYS B 282 -16.63 25.07 1.51
C LYS B 282 -18.01 25.18 2.16
N LYS B 283 -19.00 24.58 1.51
CA LYS B 283 -20.32 24.63 2.05
C LYS B 283 -20.39 24.13 3.47
N GLU B 284 -19.76 23.00 3.72
CA GLU B 284 -19.84 22.45 5.04
C GLU B 284 -19.00 23.19 6.07
N LEU B 285 -17.85 23.73 5.63
CA LEU B 285 -17.10 24.59 6.51
C LEU B 285 -17.91 25.81 6.95
N LYS B 286 -18.56 26.42 5.98
CA LYS B 286 -19.36 27.57 6.29
C LYS B 286 -20.53 27.24 7.21
N ALA B 287 -21.20 26.13 6.93
CA ALA B 287 -22.34 25.72 7.72
C ALA B 287 -21.94 25.39 9.15
N TYR B 288 -20.74 24.96 9.40
CA TYR B 288 -20.21 24.69 10.74
C TYR B 288 -19.53 25.92 11.33
N ASN B 289 -19.69 27.05 10.68
CA ASN B 289 -19.09 28.28 11.18
C ASN B 289 -17.57 28.36 11.31
N LEU B 290 -16.90 27.71 10.37
CA LEU B 290 -15.46 27.64 10.31
C LEU B 290 -14.84 28.60 9.33
N MET B 291 -15.62 29.09 8.40
CA MET B 291 -15.16 30.12 7.47
C MET B 291 -16.34 30.96 7.08
C1 GOL C . 9.46 -21.99 1.28
O1 GOL C . 10.18 -22.84 0.49
C2 GOL C . 10.31 -20.85 1.76
O2 GOL C . 11.16 -21.31 2.79
C3 GOL C . 9.48 -19.73 2.40
O3 GOL C . 10.20 -18.67 3.12
C1 GOL D . -4.98 23.61 -0.74
O1 GOL D . -5.07 24.64 0.11
C2 GOL D . -3.57 23.18 -1.02
O2 GOL D . -2.94 24.15 -1.84
C3 GOL D . -3.42 21.83 -1.75
O3 GOL D . -2.03 21.48 -2.16
#